data_7TDQ
#
_entry.id   7TDQ
#
_cell.length_a   53.332
_cell.length_b   58.683
_cell.length_c   138.421
_cell.angle_alpha   90.000
_cell.angle_beta   90.000
_cell.angle_gamma   90.000
#
_symmetry.space_group_name_H-M   'I 2 2 2'
#
loop_
_entity.id
_entity.type
_entity.pdbx_description
1 polymer 'Tegument protein ORF52'
2 water water
#
_entity_poly.entity_id   1
_entity_poly.type   'polypeptide(L)'
_entity_poly.pdbx_seq_one_letter_code
;SKKDLT(MSE)EDLTAKISQLTVENRELRKALGSTADPRDRPLTATEKEAQLTATVGA(MSE)SAAAAKKIEARVRTIFS
KVVTQKQVDDALKGLS
;
_entity_poly.pdbx_strand_id   A,B
#
# COMPACT_ATOMS: atom_id res chain seq x y z
N ASP A 4 27.96 30.44 -27.43
CA ASP A 4 28.72 30.33 -26.19
C ASP A 4 28.54 28.94 -25.57
N LEU A 5 27.30 28.57 -25.27
CA LEU A 5 26.98 27.26 -24.71
C LEU A 5 26.48 26.37 -25.84
N THR A 6 27.37 25.56 -26.39
CA THR A 6 27.00 24.61 -27.41
C THR A 6 26.64 23.26 -26.78
N MSE A 7 26.19 22.33 -27.61
CA MSE A 7 25.87 20.99 -27.14
C MSE A 7 27.12 20.22 -26.77
O MSE A 7 27.14 19.48 -25.77
CB MSE A 7 25.06 20.21 -28.18
CG MSE A 7 24.68 18.82 -27.69
SE MSE A 7 23.21 18.02 -28.70
CE MSE A 7 24.17 17.62 -30.35
N GLU A 8 28.17 20.39 -27.58
CA GLU A 8 29.45 19.73 -27.29
C GLU A 8 29.96 20.10 -25.91
N ASP A 9 29.72 21.34 -25.46
CA ASP A 9 30.13 21.74 -24.12
C ASP A 9 29.50 20.86 -23.06
N LEU A 10 28.22 20.51 -23.24
CA LEU A 10 27.54 19.65 -22.27
C LEU A 10 28.06 18.22 -22.35
N THR A 11 28.16 17.68 -23.57
CA THR A 11 28.58 16.30 -23.73
C THR A 11 30.05 16.13 -23.35
N ALA A 12 30.87 17.18 -23.52
CA ALA A 12 32.26 17.11 -23.07
C ALA A 12 32.33 17.00 -21.55
N LYS A 13 31.51 17.77 -20.84
CA LYS A 13 31.45 17.67 -19.39
C LYS A 13 30.86 16.33 -18.97
N ILE A 14 29.87 15.81 -19.70
CA ILE A 14 29.27 14.52 -19.36
C ILE A 14 30.31 13.41 -19.48
N SER A 15 31.12 13.43 -20.54
CA SER A 15 32.17 12.43 -20.69
C SER A 15 33.17 12.53 -19.54
N GLN A 16 33.59 13.75 -19.21
CA GLN A 16 34.58 13.94 -18.14
C GLN A 16 34.06 13.41 -16.81
N LEU A 17 32.75 13.48 -16.57
CA LEU A 17 32.20 12.97 -15.32
C LEU A 17 32.05 11.46 -15.35
N THR A 18 31.69 10.89 -16.49
CA THR A 18 31.54 9.44 -16.59
C THR A 18 32.87 8.74 -16.41
N VAL A 19 33.92 9.25 -17.07
CA VAL A 19 35.23 8.61 -16.95
C VAL A 19 35.79 8.80 -15.55
N GLU A 20 35.45 9.92 -14.89
CA GLU A 20 35.90 10.13 -13.53
C GLU A 20 35.10 9.30 -12.54
N ASN A 21 33.81 9.09 -12.80
CA ASN A 21 33.01 8.22 -11.93
C ASN A 21 33.42 6.77 -12.08
N ARG A 22 33.75 6.35 -13.30
CA ARG A 22 34.25 4.99 -13.50
C ARG A 22 35.54 4.76 -12.72
N GLU A 23 36.40 5.79 -12.65
CA GLU A 23 37.66 5.65 -11.93
C GLU A 23 37.44 5.65 -10.43
N LEU A 24 36.59 6.56 -9.94
CA LEU A 24 36.32 6.61 -8.51
C LEU A 24 35.68 5.33 -7.99
N ARG A 25 34.86 4.66 -8.82
CA ARG A 25 34.32 3.38 -8.40
C ARG A 25 35.42 2.32 -8.32
N LYS A 26 36.26 2.25 -9.36
CA LYS A 26 37.36 1.29 -9.34
C LYS A 26 38.27 1.49 -8.14
N ALA A 27 38.45 2.74 -7.71
CA ALA A 27 39.20 3.01 -6.49
C ALA A 27 38.42 2.56 -5.27
N LEU A 28 37.12 2.85 -5.23
CA LEU A 28 36.29 2.41 -4.12
C LEU A 28 36.16 0.90 -4.07
N GLY A 29 36.21 0.23 -5.23
CA GLY A 29 36.17 -1.22 -5.24
C GLY A 29 37.44 -1.89 -4.74
N SER A 30 38.54 -1.14 -4.67
CA SER A 30 39.81 -1.67 -4.19
C SER A 30 40.11 -1.28 -2.75
N THR A 31 39.15 -0.69 -2.04
CA THR A 31 39.37 -0.25 -0.68
C THR A 31 39.52 -1.45 0.25
N ALA A 32 39.99 -1.18 1.48
CA ALA A 32 40.22 -2.25 2.44
C ALA A 32 38.90 -2.74 3.03
N ASP A 33 38.07 -1.83 3.53
CA ASP A 33 36.82 -2.21 4.17
C ASP A 33 35.82 -2.66 3.13
N PRO A 34 35.30 -3.90 3.19
CA PRO A 34 34.32 -4.34 2.19
C PRO A 34 33.03 -3.52 2.18
N ARG A 35 32.67 -2.88 3.29
CA ARG A 35 31.44 -2.10 3.31
C ARG A 35 31.58 -0.76 2.61
N ASP A 36 32.79 -0.37 2.21
CA ASP A 36 32.99 0.83 1.41
C ASP A 36 32.87 0.58 -0.08
N ARG A 37 32.87 -0.69 -0.51
CA ARG A 37 32.74 -0.99 -1.93
C ARG A 37 31.39 -0.48 -2.45
N PRO A 38 31.35 0.09 -3.65
CA PRO A 38 30.07 0.56 -4.19
C PRO A 38 29.17 -0.61 -4.55
N LEU A 39 27.88 -0.43 -4.31
CA LEU A 39 26.91 -1.45 -4.68
C LEU A 39 26.80 -1.56 -6.19
N THR A 40 26.59 -2.78 -6.68
CA THR A 40 26.34 -3.00 -8.09
C THR A 40 24.91 -2.57 -8.43
N ALA A 41 24.61 -2.60 -9.73
CA ALA A 41 23.29 -2.14 -10.19
C ALA A 41 22.18 -3.05 -9.71
N THR A 42 22.41 -4.37 -9.75
CA THR A 42 21.38 -5.31 -9.31
C THR A 42 21.29 -5.38 -7.79
N GLU A 43 22.43 -5.28 -7.10
CA GLU A 43 22.42 -5.30 -5.64
C GLU A 43 21.67 -4.11 -5.09
N LYS A 44 21.91 -2.92 -5.65
CA LYS A 44 21.16 -1.73 -5.26
C LYS A 44 19.68 -1.88 -5.61
N GLU A 45 19.38 -2.44 -6.78
CA GLU A 45 18.00 -2.66 -7.16
C GLU A 45 17.33 -3.71 -6.28
N ALA A 46 18.07 -4.75 -5.90
CA ALA A 46 17.51 -5.80 -5.06
C ALA A 46 17.15 -5.25 -3.69
N GLN A 47 18.04 -4.46 -3.08
CA GLN A 47 17.72 -3.82 -1.81
C GLN A 47 16.65 -2.74 -1.98
N LEU A 48 16.47 -2.21 -3.18
CA LEU A 48 15.43 -1.20 -3.38
C LEU A 48 14.05 -1.85 -3.32
N THR A 49 13.84 -2.91 -4.11
CA THR A 49 12.53 -3.59 -4.11
C THR A 49 12.26 -4.23 -2.75
N ALA A 50 13.32 -4.69 -2.07
CA ALA A 50 13.16 -5.22 -0.73
C ALA A 50 12.62 -4.16 0.21
N THR A 51 13.10 -2.92 0.08
CA THR A 51 12.58 -1.83 0.89
C THR A 51 11.13 -1.53 0.51
N VAL A 52 10.82 -1.54 -0.79
CA VAL A 52 9.46 -1.29 -1.24
C VAL A 52 8.52 -2.38 -0.73
N GLY A 53 8.89 -3.64 -0.91
CA GLY A 53 8.03 -4.73 -0.50
C GLY A 53 7.77 -4.76 1.00
N ALA A 54 8.75 -4.31 1.79
CA ALA A 54 8.57 -4.24 3.23
C ALA A 54 7.59 -3.14 3.62
N MSE A 55 7.71 -1.97 3.00
CA MSE A 55 6.82 -0.86 3.30
C MSE A 55 5.44 -1.09 2.69
O MSE A 55 4.43 -0.70 3.28
CB MSE A 55 7.39 0.45 2.78
CG MSE A 55 8.70 0.88 3.45
SE MSE A 55 9.51 2.45 2.62
CE MSE A 55 8.33 3.83 3.34
N SER A 56 5.39 -1.75 1.53
CA SER A 56 4.11 -2.04 0.90
C SER A 56 3.30 -3.04 1.73
N ALA A 57 3.98 -4.03 2.31
CA ALA A 57 3.27 -4.99 3.16
C ALA A 57 2.74 -4.32 4.42
N ALA A 58 3.54 -3.45 5.04
CA ALA A 58 3.09 -2.74 6.23
C ALA A 58 1.96 -1.78 5.91
N ALA A 59 2.05 -1.10 4.76
CA ALA A 59 0.97 -0.21 4.34
C ALA A 59 -0.30 -0.98 4.02
N ALA A 60 -0.16 -2.22 3.51
CA ALA A 60 -1.34 -3.03 3.21
C ALA A 60 -2.09 -3.43 4.47
N LYS A 61 -1.37 -3.63 5.58
CA LYS A 61 -2.04 -3.95 6.85
C LYS A 61 -2.88 -2.77 7.33
N LYS A 62 -2.28 -1.57 7.35
CA LYS A 62 -3.00 -0.39 7.80
C LYS A 62 -4.20 -0.11 6.89
N ILE A 63 -4.06 -0.38 5.60
CA ILE A 63 -5.17 -0.18 4.67
C ILE A 63 -6.27 -1.19 4.93
N GLU A 64 -5.91 -2.46 5.13
CA GLU A 64 -6.93 -3.49 5.31
C GLU A 64 -7.70 -3.29 6.60
N ALA A 65 -7.01 -3.01 7.70
CA ALA A 65 -7.70 -2.75 8.96
C ALA A 65 -8.57 -1.50 8.87
N ARG A 66 -8.12 -0.51 8.10
CA ARG A 66 -8.91 0.71 7.94
C ARG A 66 -10.17 0.46 7.12
N VAL A 67 -10.06 -0.31 6.04
CA VAL A 67 -11.22 -0.62 5.22
C VAL A 67 -12.21 -1.49 5.98
N ARG A 68 -11.72 -2.32 6.91
CA ARG A 68 -12.61 -3.22 7.64
C ARG A 68 -13.49 -2.45 8.62
N THR A 69 -12.91 -1.51 9.37
CA THR A 69 -13.71 -0.71 10.30
C THR A 69 -14.70 0.18 9.56
N ILE A 70 -14.49 0.39 8.26
CA ILE A 70 -15.47 1.13 7.46
C ILE A 70 -16.58 0.19 6.98
N PHE A 71 -16.22 -1.05 6.63
CA PHE A 71 -17.21 -2.05 6.25
C PHE A 71 -17.99 -2.61 7.43
N SER A 72 -17.53 -2.38 8.66
CA SER A 72 -18.24 -2.85 9.83
C SER A 72 -19.52 -2.06 10.12
N LYS A 73 -19.82 -1.04 9.32
CA LYS A 73 -21.00 -0.20 9.53
C LYS A 73 -21.78 -0.03 8.23
N VAL A 74 -21.76 -1.05 7.38
CA VAL A 74 -22.53 -1.04 6.13
C VAL A 74 -23.21 -2.39 5.97
N VAL A 75 -24.30 -2.39 5.20
CA VAL A 75 -25.08 -3.60 4.99
C VAL A 75 -25.49 -3.73 3.51
N THR A 76 -25.93 -2.63 2.92
CA THR A 76 -26.45 -2.65 1.56
C THR A 76 -25.39 -2.19 0.57
N GLN A 77 -25.65 -2.45 -0.71
CA GLN A 77 -24.74 -2.00 -1.76
C GLN A 77 -24.68 -0.48 -1.82
N LYS A 78 -25.80 0.19 -1.54
CA LYS A 78 -25.81 1.64 -1.53
C LYS A 78 -24.96 2.20 -0.41
N GLN A 79 -25.02 1.57 0.78
CA GLN A 79 -24.20 2.02 1.90
C GLN A 79 -22.71 1.80 1.62
N VAL A 80 -22.38 0.71 0.92
CA VAL A 80 -20.98 0.43 0.60
C VAL A 80 -20.45 1.47 -0.38
N ASP A 81 -21.23 1.79 -1.41
CA ASP A 81 -20.80 2.77 -2.40
C ASP A 81 -20.58 4.14 -1.77
N ASP A 82 -21.40 4.51 -0.79
CA ASP A 82 -21.23 5.81 -0.15
C ASP A 82 -20.09 5.80 0.86
N ALA A 83 -19.79 4.65 1.45
CA ALA A 83 -18.66 4.54 2.36
C ALA A 83 -17.32 4.58 1.65
N LEU A 84 -17.27 4.06 0.41
CA LEU A 84 -16.06 4.12 -0.38
C LEU A 84 -15.91 5.44 -1.12
N LYS A 85 -16.93 6.30 -1.09
CA LYS A 85 -16.88 7.54 -1.87
C LYS A 85 -15.90 8.53 -1.26
N GLY A 86 -15.89 8.63 0.08
CA GLY A 86 -14.95 9.53 0.73
C GLY A 86 -13.52 9.04 0.64
N LEU A 87 -13.32 7.74 0.83
CA LEU A 87 -11.98 7.16 0.84
C LEU A 87 -11.74 6.41 -0.47
N SER A 88 -11.55 7.21 -1.53
CA SER A 88 -11.22 6.70 -2.86
C SER A 88 -9.93 5.90 -2.87
N ASP B 4 -34.13 -14.06 36.53
CA ASP B 4 -34.37 -15.43 37.00
C ASP B 4 -34.16 -16.44 35.87
N LEU B 5 -34.91 -16.27 34.79
CA LEU B 5 -34.75 -17.09 33.60
C LEU B 5 -33.92 -16.32 32.56
N THR B 6 -32.67 -16.06 32.93
CA THR B 6 -31.84 -15.18 32.13
C THR B 6 -31.51 -15.80 30.79
N MSE B 7 -31.21 -17.10 30.76
CA MSE B 7 -30.87 -17.75 29.50
C MSE B 7 -32.01 -17.64 28.51
O MSE B 7 -31.81 -17.19 27.37
CB MSE B 7 -30.53 -19.22 29.75
CG MSE B 7 -29.26 -19.43 30.56
SE MSE B 7 -27.66 -19.09 29.49
CE MSE B 7 -27.35 -17.22 29.98
N GLU B 8 -33.21 -18.02 28.95
CA GLU B 8 -34.37 -18.01 28.06
C GLU B 8 -34.74 -16.60 27.62
N ASP B 9 -34.48 -15.58 28.45
CA ASP B 9 -34.76 -14.20 28.06
C ASP B 9 -33.82 -13.74 26.94
N LEU B 10 -32.53 -14.10 27.04
CA LEU B 10 -31.60 -13.76 25.97
C LEU B 10 -31.96 -14.48 24.68
N THR B 11 -32.40 -15.73 24.79
CA THR B 11 -32.87 -16.47 23.63
C THR B 11 -34.10 -15.82 23.01
N ALA B 12 -35.06 -15.45 23.85
CA ALA B 12 -36.25 -14.77 23.35
C ALA B 12 -35.89 -13.41 22.77
N LYS B 13 -34.85 -12.77 23.31
CA LYS B 13 -34.37 -11.52 22.72
C LYS B 13 -33.86 -11.75 21.30
N ILE B 14 -33.15 -12.85 21.08
CA ILE B 14 -32.68 -13.18 19.74
C ILE B 14 -33.86 -13.43 18.82
N SER B 15 -34.89 -14.11 19.32
CA SER B 15 -36.08 -14.37 18.51
C SER B 15 -36.74 -13.07 18.08
N GLN B 16 -36.91 -12.13 19.01
CA GLN B 16 -37.51 -10.85 18.67
C GLN B 16 -36.62 -10.04 17.74
N LEU B 17 -35.30 -10.11 17.94
CA LEU B 17 -34.39 -9.38 17.06
C LEU B 17 -34.27 -10.07 15.70
N THR B 18 -34.51 -11.37 15.63
CA THR B 18 -34.43 -12.08 14.36
C THR B 18 -35.63 -11.78 13.46
N VAL B 19 -36.83 -11.79 14.03
CA VAL B 19 -38.02 -11.51 13.21
C VAL B 19 -37.97 -10.08 12.70
N GLU B 20 -37.55 -9.13 13.55
CA GLU B 20 -37.40 -7.74 13.09
C GLU B 20 -36.31 -7.63 12.03
N ASN B 21 -35.23 -8.42 12.18
CA ASN B 21 -34.13 -8.39 11.23
C ASN B 21 -34.60 -8.74 9.83
N ARG B 22 -35.45 -9.76 9.70
CA ARG B 22 -35.93 -10.15 8.38
C ARG B 22 -37.06 -9.25 7.90
N GLU B 23 -37.88 -8.71 8.81
CA GLU B 23 -38.87 -7.72 8.41
C GLU B 23 -38.20 -6.49 7.80
N LEU B 24 -36.96 -6.20 8.21
CA LEU B 24 -36.21 -5.14 7.56
C LEU B 24 -35.70 -5.57 6.19
N ARG B 25 -35.28 -6.85 6.06
CA ARG B 25 -34.80 -7.34 4.78
C ARG B 25 -35.91 -7.44 3.76
N LYS B 26 -37.12 -7.82 4.18
CA LYS B 26 -38.24 -7.90 3.25
C LYS B 26 -38.65 -6.51 2.77
N ALA B 27 -38.52 -5.50 3.63
CA ALA B 27 -38.84 -4.14 3.23
C ALA B 27 -37.77 -3.56 2.31
N LEU B 28 -36.51 -3.96 2.50
CA LEU B 28 -35.45 -3.49 1.63
C LEU B 28 -35.50 -4.12 0.24
N GLY B 29 -36.13 -5.30 0.12
CA GLY B 29 -36.39 -5.88 -1.18
C GLY B 29 -37.63 -5.37 -1.88
N SER B 30 -38.49 -4.64 -1.16
CA SER B 30 -39.70 -4.06 -1.72
C SER B 30 -39.48 -2.70 -2.35
N THR B 31 -38.25 -2.19 -2.32
CA THR B 31 -37.93 -0.89 -2.91
C THR B 31 -37.59 -1.05 -4.39
N ALA B 32 -37.75 0.04 -5.14
CA ALA B 32 -37.49 0.01 -6.56
C ALA B 32 -36.00 0.06 -6.90
N ASP B 33 -35.13 0.29 -5.91
CA ASP B 33 -33.70 0.41 -6.16
C ASP B 33 -33.02 -0.92 -5.86
N PRO B 34 -32.34 -1.54 -6.83
CA PRO B 34 -31.66 -2.81 -6.54
C PRO B 34 -30.54 -2.67 -5.53
N ARG B 35 -29.88 -1.52 -5.48
CA ARG B 35 -28.75 -1.27 -4.58
C ARG B 35 -29.17 -1.21 -3.11
N ASP B 36 -30.47 -1.27 -2.81
CA ASP B 36 -30.95 -1.34 -1.44
C ASP B 36 -30.93 -2.76 -0.89
N ARG B 37 -30.56 -3.75 -1.70
CA ARG B 37 -30.51 -5.13 -1.23
C ARG B 37 -29.42 -5.29 -0.18
N PRO B 38 -29.71 -5.97 0.94
CA PRO B 38 -28.66 -6.22 1.94
C PRO B 38 -27.66 -7.25 1.42
N LEU B 39 -26.38 -6.89 1.47
CA LEU B 39 -25.31 -7.78 1.00
C LEU B 39 -25.08 -8.90 2.00
N THR B 40 -24.86 -10.10 1.46
CA THR B 40 -24.44 -11.22 2.30
C THR B 40 -23.00 -11.02 2.77
N ALA B 41 -22.63 -11.77 3.81
CA ALA B 41 -21.27 -11.66 4.35
C ALA B 41 -20.22 -12.09 3.32
N THR B 42 -20.61 -12.95 2.38
CA THR B 42 -19.67 -13.35 1.32
C THR B 42 -19.43 -12.21 0.35
N GLU B 43 -20.50 -11.63 -0.21
CA GLU B 43 -20.36 -10.52 -1.13
C GLU B 43 -19.67 -9.33 -0.46
N LYS B 44 -19.99 -9.08 0.81
CA LYS B 44 -19.38 -7.97 1.53
C LYS B 44 -17.88 -8.16 1.70
N GLU B 45 -17.43 -9.42 1.85
CA GLU B 45 -16.00 -9.68 1.96
C GLU B 45 -15.30 -9.56 0.61
N ALA B 46 -15.97 -10.01 -0.46
CA ALA B 46 -15.37 -9.90 -1.79
C ALA B 46 -15.16 -8.46 -2.20
N GLN B 47 -16.11 -7.57 -1.88
CA GLN B 47 -15.95 -6.17 -2.21
C GLN B 47 -14.93 -5.50 -1.29
N LEU B 48 -14.83 -5.97 -0.04
CA LEU B 48 -13.79 -5.46 0.85
C LEU B 48 -12.41 -5.89 0.38
N THR B 49 -12.27 -7.14 -0.04
CA THR B 49 -10.98 -7.63 -0.53
C THR B 49 -10.56 -6.89 -1.79
N ALA B 50 -11.49 -6.69 -2.72
CA ALA B 50 -11.18 -5.96 -3.94
C ALA B 50 -10.84 -4.50 -3.65
N THR B 51 -11.47 -3.91 -2.63
CA THR B 51 -11.18 -2.53 -2.28
C THR B 51 -9.80 -2.40 -1.65
N VAL B 52 -9.44 -3.32 -0.75
CA VAL B 52 -8.11 -3.33 -0.16
C VAL B 52 -7.06 -3.55 -1.24
N GLY B 53 -7.33 -4.45 -2.18
CA GLY B 53 -6.36 -4.74 -3.22
C GLY B 53 -6.10 -3.54 -4.13
N ALA B 54 -7.13 -2.74 -4.37
CA ALA B 54 -6.95 -1.57 -5.24
C ALA B 54 -6.11 -0.50 -4.54
N MSE B 55 -6.43 -0.20 -3.28
CA MSE B 55 -5.72 0.85 -2.55
C MSE B 55 -4.29 0.42 -2.21
O MSE B 55 -3.38 1.24 -2.21
CB MSE B 55 -6.49 1.21 -1.27
CG MSE B 55 -7.91 1.69 -1.51
SE MSE B 55 -8.90 2.06 0.13
CE MSE B 55 -7.87 3.57 0.80
N SER B 56 -4.11 -0.88 -1.93
CA SER B 56 -2.78 -1.39 -1.65
C SER B 56 -1.88 -1.30 -2.88
N ALA B 57 -2.44 -1.57 -4.07
CA ALA B 57 -1.68 -1.40 -5.29
C ALA B 57 -1.37 0.08 -5.54
N ALA B 58 -2.32 0.96 -5.19
CA ALA B 58 -2.07 2.40 -5.30
C ALA B 58 -1.00 2.85 -4.32
N ALA B 59 -1.06 2.34 -3.08
CA ALA B 59 -0.02 2.67 -2.11
C ALA B 59 1.33 2.12 -2.52
N ALA B 60 1.35 0.91 -3.08
CA ALA B 60 2.61 0.32 -3.54
C ALA B 60 3.21 1.10 -4.70
N LYS B 61 2.36 1.75 -5.50
CA LYS B 61 2.85 2.57 -6.61
C LYS B 61 3.58 3.80 -6.09
N LYS B 62 2.93 4.56 -5.21
CA LYS B 62 3.53 5.79 -4.67
C LYS B 62 4.74 5.48 -3.80
N ILE B 63 4.73 4.36 -3.08
CA ILE B 63 5.85 3.99 -2.22
C ILE B 63 7.09 3.70 -3.05
N GLU B 64 6.92 2.98 -4.15
CA GLU B 64 8.07 2.64 -4.98
C GLU B 64 8.71 3.88 -5.59
N ALA B 65 7.87 4.81 -6.08
CA ALA B 65 8.41 6.04 -6.63
C ALA B 65 9.07 6.89 -5.56
N ARG B 66 8.54 6.88 -4.33
CA ARG B 66 9.10 7.71 -3.28
C ARG B 66 10.49 7.25 -2.87
N VAL B 67 10.68 5.93 -2.72
CA VAL B 67 11.97 5.42 -2.27
C VAL B 67 12.95 5.28 -3.42
N ARG B 68 12.48 5.24 -4.67
CA ARG B 68 13.40 5.33 -5.79
C ARG B 68 14.00 6.73 -5.87
N THR B 69 13.26 7.74 -5.42
CA THR B 69 13.79 9.10 -5.39
C THR B 69 14.98 9.18 -4.44
N ILE B 70 14.90 8.50 -3.30
CA ILE B 70 15.97 8.57 -2.31
C ILE B 70 17.12 7.63 -2.67
N PHE B 71 16.82 6.49 -3.30
CA PHE B 71 17.86 5.51 -3.62
C PHE B 71 18.72 5.92 -4.81
N SER B 72 18.20 6.75 -5.71
CA SER B 72 18.95 7.09 -6.91
C SER B 72 20.27 7.81 -6.60
N LYS B 73 20.36 8.49 -5.46
CA LYS B 73 21.58 9.20 -5.14
C LYS B 73 22.65 8.29 -4.54
N VAL B 74 22.24 7.23 -3.83
CA VAL B 74 23.21 6.42 -3.11
C VAL B 74 24.02 5.59 -4.09
N VAL B 75 25.27 5.32 -3.73
CA VAL B 75 26.13 4.44 -4.51
C VAL B 75 26.72 3.38 -3.59
N THR B 76 26.89 3.69 -2.30
CA THR B 76 27.50 2.72 -1.39
C THR B 76 26.62 2.17 -0.25
N GLN B 77 27.20 1.34 0.64
CA GLN B 77 26.52 0.64 1.73
C GLN B 77 25.99 1.63 2.77
N LYS B 78 26.92 2.31 3.44
CA LYS B 78 26.59 3.34 4.43
C LYS B 78 25.52 4.29 3.92
N GLN B 79 25.56 4.63 2.63
CA GLN B 79 24.62 5.62 2.11
C GLN B 79 23.20 5.05 2.02
N VAL B 80 23.07 3.75 1.80
CA VAL B 80 21.75 3.13 1.81
C VAL B 80 21.14 3.21 3.20
N ASP B 81 21.95 2.97 4.24
CA ASP B 81 21.45 2.98 5.61
C ASP B 81 20.91 4.36 5.99
N ASP B 82 21.68 5.41 5.68
CA ASP B 82 21.22 6.77 5.97
C ASP B 82 19.99 7.13 5.15
N ALA B 83 19.84 6.54 3.95
CA ALA B 83 18.63 6.75 3.18
C ALA B 83 17.45 6.01 3.80
N LEU B 84 17.68 4.81 4.31
CA LEU B 84 16.63 4.07 5.01
C LEU B 84 16.24 4.76 6.31
N LYS B 85 17.24 5.29 7.04
CA LYS B 85 16.94 6.09 8.22
C LYS B 85 16.20 7.37 7.85
N GLY B 86 16.52 7.94 6.68
CA GLY B 86 15.75 9.06 6.17
C GLY B 86 14.33 8.70 5.78
N LEU B 87 14.05 7.41 5.58
CA LEU B 87 12.69 6.96 5.32
C LEU B 87 11.89 6.71 6.59
N SER B 88 12.57 6.53 7.72
CA SER B 88 11.88 6.27 8.98
C SER B 88 11.21 7.54 9.50
#